data_1Y9W
#
_entry.id   1Y9W
#
_cell.length_a   55.032
_cell.length_b   65.344
_cell.length_c   89.193
_cell.angle_alpha   90.00
_cell.angle_beta   90.00
_cell.angle_gamma   90.00
#
_symmetry.space_group_name_H-M   'P 21 21 21'
#
loop_
_entity.id
_entity.type
_entity.pdbx_description
1 polymer Acetyltransferase
2 water water
#
_entity_poly.entity_id   1
_entity_poly.type   'polypeptide(L)'
_entity_poly.pdbx_seq_one_letter_code
;MYMKHIENGTRIEGEYIKNKVIQYNMSILTDEVKQPMEEVSLVVKNEEGKIFGGVTGTMYFYHLHIDFLWVDESVRHDGY
GSQLLHEIEGIAKEKGCRLILLDSFSFQAPEFYKKHGYREYGVVEDHPKGHSQHFFEKRL
;
_entity_poly.pdbx_strand_id   A,B
#
# COMPACT_ATOMS: atom_id res chain seq x y z
N MET A 1 -13.92 36.51 -8.02
CA MET A 1 -14.29 36.12 -9.41
C MET A 1 -13.44 34.96 -9.96
N TYR A 2 -12.50 34.49 -9.15
CA TYR A 2 -11.64 33.37 -9.56
C TYR A 2 -11.31 32.47 -8.39
N MET A 3 -12.01 32.67 -7.27
CA MET A 3 -11.76 31.89 -6.06
C MET A 3 -12.09 30.40 -6.13
N LYS A 4 -11.34 29.64 -5.35
CA LYS A 4 -11.46 28.20 -5.26
C LYS A 4 -11.46 27.83 -3.77
N HIS A 5 -12.29 26.86 -3.40
CA HIS A 5 -12.37 26.42 -2.01
C HIS A 5 -12.19 24.92 -1.94
N ILE A 6 -12.22 24.38 -0.72
CA ILE A 6 -12.05 22.96 -0.52
C ILE A 6 -13.30 22.35 0.11
N GLU A 7 -13.71 21.19 -0.40
CA GLU A 7 -14.87 20.50 0.12
C GLU A 7 -14.61 19.00 0.12
N ASN A 8 -15.44 18.25 0.85
CA ASN A 8 -15.29 16.81 0.92
C ASN A 8 -15.55 16.25 -0.48
N GLY A 9 -14.79 15.24 -0.86
CA GLY A 9 -14.98 14.66 -2.18
C GLY A 9 -15.84 13.41 -2.12
N THR A 10 -16.41 13.04 -3.26
CA THR A 10 -17.23 11.84 -3.34
C THR A 10 -16.31 10.69 -3.77
N ARG A 11 -16.82 9.46 -3.69
CA ARG A 11 -16.02 8.32 -4.11
C ARG A 11 -15.52 8.48 -5.53
N ILE A 12 -16.42 8.88 -6.43
CA ILE A 12 -16.03 9.07 -7.82
C ILE A 12 -14.92 10.11 -7.91
N GLU A 13 -15.06 11.20 -7.15
CA GLU A 13 -14.06 12.25 -7.15
C GLU A 13 -12.74 11.74 -6.58
N GLY A 14 -12.82 10.85 -5.60
CA GLY A 14 -11.62 10.30 -5.01
C GLY A 14 -10.90 9.43 -6.03
N GLU A 15 -11.66 8.77 -6.88
CA GLU A 15 -11.10 7.91 -7.93
C GLU A 15 -10.49 8.79 -9.01
N TYR A 16 -11.06 9.98 -9.19
CA TYR A 16 -10.55 10.92 -10.18
C TYR A 16 -9.18 11.42 -9.75
N ILE A 17 -9.06 11.77 -8.47
CA ILE A 17 -7.81 12.26 -7.90
C ILE A 17 -6.73 11.22 -8.13
N LYS A 18 -7.06 9.96 -7.83
CA LYS A 18 -6.15 8.84 -8.01
C LYS A 18 -5.65 8.72 -9.45
N ASN A 19 -6.57 8.83 -10.40
CA ASN A 19 -6.22 8.73 -11.82
C ASN A 19 -5.42 9.93 -12.33
N LYS A 20 -5.73 11.11 -11.81
CA LYS A 20 -4.99 12.30 -12.22
C LYS A 20 -3.55 12.13 -11.72
N VAL A 21 -3.39 11.53 -10.55
CA VAL A 21 -2.06 11.28 -9.98
C VAL A 21 -1.30 10.23 -10.79
N ILE A 22 -2.00 9.19 -11.22
CA ILE A 22 -1.37 8.13 -12.01
C ILE A 22 -1.01 8.68 -13.40
N GLN A 23 -1.92 9.48 -13.97
CA GLN A 23 -1.71 10.08 -15.27
C GLN A 23 -0.45 10.96 -15.25
N TYR A 24 -0.35 11.80 -14.23
CA TYR A 24 0.80 12.70 -14.07
C TYR A 24 2.08 11.90 -13.89
N ASN A 25 2.03 10.87 -13.06
CA ASN A 25 3.20 10.02 -12.83
C ASN A 25 3.68 9.46 -14.18
N MET A 26 2.76 8.84 -14.89
CA MET A 26 3.09 8.25 -16.18
C MET A 26 3.67 9.28 -17.15
N SER A 27 3.15 10.50 -17.07
CA SER A 27 3.60 11.57 -17.96
C SER A 27 5.04 12.02 -17.73
N ILE A 28 5.59 11.73 -16.55
CA ILE A 28 6.96 12.14 -16.29
C ILE A 28 7.94 10.97 -16.14
N LEU A 29 7.49 9.78 -16.52
CA LEU A 29 8.33 8.59 -16.44
C LEU A 29 8.53 7.99 -17.83
N THR A 30 9.66 7.32 -18.01
CA THR A 30 9.97 6.70 -19.29
C THR A 30 9.33 5.32 -19.40
N ASP A 31 9.17 4.85 -20.64
CA ASP A 31 8.54 3.55 -20.89
C ASP A 31 9.35 2.41 -20.30
N GLU A 32 10.63 2.65 -20.11
CA GLU A 32 11.53 1.66 -19.55
C GLU A 32 11.02 1.08 -18.22
N VAL A 33 10.35 1.89 -17.41
CA VAL A 33 9.85 1.42 -16.11
C VAL A 33 8.37 1.09 -16.14
N LYS A 34 7.73 1.36 -17.28
CA LYS A 34 6.30 1.13 -17.40
C LYS A 34 5.85 -0.31 -17.68
N GLN A 35 6.16 -1.20 -16.74
CA GLN A 35 5.74 -2.58 -16.85
C GLN A 35 4.22 -2.55 -16.74
N PRO A 36 3.51 -3.17 -17.68
CA PRO A 36 2.04 -3.14 -17.59
C PRO A 36 1.59 -3.80 -16.28
N MET A 37 0.77 -3.08 -15.50
CA MET A 37 0.31 -3.62 -14.22
C MET A 37 -0.32 -4.98 -14.35
N GLU A 38 -0.05 -5.83 -13.36
CA GLU A 38 -0.59 -7.18 -13.38
C GLU A 38 -0.64 -7.79 -11.99
N GLU A 39 -1.77 -8.44 -11.69
CA GLU A 39 -1.96 -9.11 -10.42
C GLU A 39 -1.55 -10.56 -10.62
N VAL A 40 -0.97 -11.16 -9.58
CA VAL A 40 -0.55 -12.55 -9.66
C VAL A 40 -0.89 -13.23 -8.34
N SER A 41 -1.29 -14.49 -8.41
CA SER A 41 -1.62 -15.22 -7.20
C SER A 41 -1.45 -16.71 -7.42
N LEU A 42 -0.99 -17.39 -6.38
CA LEU A 42 -0.78 -18.82 -6.41
C LEU A 42 -1.53 -19.44 -5.25
N VAL A 43 -2.09 -20.62 -5.48
CA VAL A 43 -2.81 -21.31 -4.43
C VAL A 43 -2.41 -22.77 -4.37
N VAL A 44 -2.40 -23.31 -3.16
CA VAL A 44 -2.11 -24.72 -2.96
C VAL A 44 -3.50 -25.24 -2.63
N LYS A 45 -4.00 -26.20 -3.40
CA LYS A 45 -5.33 -26.73 -3.14
C LYS A 45 -5.51 -28.14 -3.66
N ASN A 46 -6.67 -28.72 -3.37
CA ASN A 46 -6.97 -30.08 -3.84
C ASN A 46 -8.04 -29.99 -4.92
N GLU A 47 -8.35 -31.11 -5.54
CA GLU A 47 -9.35 -31.15 -6.61
C GLU A 47 -10.72 -30.59 -6.22
N GLU A 48 -11.14 -30.82 -4.98
CA GLU A 48 -12.43 -30.33 -4.52
C GLU A 48 -12.47 -28.82 -4.36
N GLY A 49 -11.30 -28.19 -4.28
CA GLY A 49 -11.28 -26.75 -4.13
C GLY A 49 -10.90 -26.24 -2.74
N LYS A 50 -10.47 -27.11 -1.85
CA LYS A 50 -10.06 -26.65 -0.52
C LYS A 50 -8.70 -25.97 -0.68
N ILE A 51 -8.61 -24.75 -0.15
CA ILE A 51 -7.38 -23.96 -0.23
C ILE A 51 -6.59 -24.08 1.07
N PHE A 52 -5.42 -24.71 0.95
CA PHE A 52 -4.52 -24.93 2.08
C PHE A 52 -3.56 -23.78 2.26
N GLY A 53 -3.37 -22.98 1.22
CA GLY A 53 -2.48 -21.85 1.30
C GLY A 53 -2.49 -21.06 0.02
N GLY A 54 -2.00 -19.83 0.06
CA GLY A 54 -1.97 -19.00 -1.14
C GLY A 54 -1.19 -17.73 -0.93
N VAL A 55 -0.88 -17.05 -2.03
CA VAL A 55 -0.15 -15.80 -1.98
C VAL A 55 -0.62 -14.95 -3.15
N THR A 56 -0.78 -13.65 -2.92
CA THR A 56 -1.21 -12.74 -3.98
C THR A 56 -0.33 -11.51 -3.95
N GLY A 57 -0.11 -10.93 -5.13
CA GLY A 57 0.72 -9.74 -5.22
C GLY A 57 0.37 -9.01 -6.50
N THR A 58 0.95 -7.82 -6.69
CA THR A 58 0.71 -7.07 -7.91
C THR A 58 2.05 -6.56 -8.42
N MET A 59 2.20 -6.54 -9.74
CA MET A 59 3.43 -6.10 -10.36
C MET A 59 3.25 -4.81 -11.17
N TYR A 60 4.30 -3.99 -11.17
CA TYR A 60 4.34 -2.74 -11.92
C TYR A 60 5.68 -2.07 -11.62
N PHE A 61 6.14 -1.17 -12.50
CA PHE A 61 7.43 -0.51 -12.31
C PHE A 61 8.49 -1.59 -12.23
N TYR A 62 8.14 -2.76 -12.74
CA TYR A 62 9.02 -3.93 -12.73
C TYR A 62 9.45 -4.37 -11.33
N HIS A 63 8.45 -4.52 -10.47
CA HIS A 63 8.67 -5.01 -9.12
C HIS A 63 7.42 -5.75 -8.69
N LEU A 64 7.60 -6.65 -7.72
CA LEU A 64 6.49 -7.41 -7.18
C LEU A 64 6.22 -7.00 -5.73
N HIS A 65 4.97 -6.62 -5.43
CA HIS A 65 4.65 -6.29 -4.07
C HIS A 65 3.74 -7.41 -3.61
N ILE A 66 4.15 -8.11 -2.56
CA ILE A 66 3.33 -9.20 -2.04
C ILE A 66 2.29 -8.62 -1.10
N ASP A 67 1.02 -8.76 -1.50
CA ASP A 67 -0.11 -8.23 -0.74
C ASP A 67 -0.57 -9.11 0.39
N PHE A 68 -0.73 -10.39 0.11
CA PHE A 68 -1.17 -11.34 1.13
C PHE A 68 -0.58 -12.72 0.96
N LEU A 69 -0.23 -13.33 2.08
CA LEU A 69 0.31 -14.68 2.08
C LEU A 69 -0.34 -15.39 3.26
N TRP A 70 -1.03 -16.49 2.97
CA TRP A 70 -1.71 -17.22 4.01
C TRP A 70 -1.54 -18.73 3.88
N VAL A 71 -1.47 -19.40 5.01
CA VAL A 71 -1.36 -20.84 5.05
C VAL A 71 -2.30 -21.33 6.15
N ASP A 72 -3.10 -22.33 5.81
CA ASP A 72 -4.05 -22.88 6.78
C ASP A 72 -3.28 -23.32 8.01
N GLU A 73 -3.78 -23.00 9.18
CA GLU A 73 -3.13 -23.38 10.42
C GLU A 73 -2.93 -24.91 10.57
N SER A 74 -3.89 -25.69 10.09
CA SER A 74 -3.81 -27.14 10.17
C SER A 74 -2.55 -27.70 9.52
N VAL A 75 -1.96 -26.92 8.62
CA VAL A 75 -0.77 -27.36 7.91
C VAL A 75 0.30 -26.26 7.90
N ARG A 76 0.42 -25.54 9.01
CA ARG A 76 1.39 -24.45 9.11
C ARG A 76 2.83 -24.94 9.27
N HIS A 77 3.02 -26.24 9.44
CA HIS A 77 4.36 -26.80 9.60
C HIS A 77 4.86 -27.45 8.32
N ASP A 78 3.94 -27.74 7.41
CA ASP A 78 4.27 -28.40 6.16
C ASP A 78 5.08 -27.59 5.13
N GLY A 79 5.39 -26.35 5.47
CA GLY A 79 6.19 -25.51 4.59
C GLY A 79 5.56 -25.05 3.28
N TYR A 80 4.25 -24.91 3.25
CA TYR A 80 3.61 -24.44 2.03
C TYR A 80 3.90 -22.96 1.82
N GLY A 81 4.07 -22.23 2.93
CA GLY A 81 4.34 -20.80 2.85
C GLY A 81 5.66 -20.49 2.17
N SER A 82 6.69 -21.23 2.54
CA SER A 82 8.01 -21.04 1.97
C SER A 82 7.94 -21.37 0.48
N GLN A 83 7.18 -22.42 0.18
CA GLN A 83 6.99 -22.92 -1.18
C GLN A 83 6.32 -21.85 -2.07
N LEU A 84 5.27 -21.22 -1.53
CA LEU A 84 4.54 -20.19 -2.26
C LEU A 84 5.39 -18.95 -2.49
N LEU A 85 6.15 -18.57 -1.48
CA LEU A 85 7.00 -17.40 -1.58
C LEU A 85 8.06 -17.64 -2.65
N HIS A 86 8.75 -18.76 -2.55
CA HIS A 86 9.78 -19.09 -3.52
C HIS A 86 9.20 -19.11 -4.93
N GLU A 87 8.02 -19.71 -5.06
CA GLU A 87 7.35 -19.83 -6.33
C GLU A 87 6.92 -18.50 -6.93
N ILE A 88 6.39 -17.60 -6.11
CA ILE A 88 5.96 -16.35 -6.69
C ILE A 88 7.15 -15.44 -7.00
N GLU A 89 8.27 -15.63 -6.32
CA GLU A 89 9.44 -14.81 -6.61
C GLU A 89 9.94 -15.18 -8.00
N GLY A 90 9.94 -16.48 -8.28
CA GLY A 90 10.38 -16.97 -9.59
C GLY A 90 9.54 -16.34 -10.70
N ILE A 91 8.24 -16.28 -10.49
CA ILE A 91 7.35 -15.71 -11.48
C ILE A 91 7.73 -14.24 -11.69
N ALA A 92 8.06 -13.58 -10.60
CA ALA A 92 8.43 -12.16 -10.64
C ALA A 92 9.74 -12.01 -11.41
N LYS A 93 10.71 -12.85 -11.07
CA LYS A 93 12.02 -12.83 -11.71
C LYS A 93 11.87 -13.07 -13.21
N GLU A 94 10.96 -13.97 -13.58
CA GLU A 94 10.70 -14.32 -14.97
C GLU A 94 10.06 -13.18 -15.78
N LYS A 95 9.26 -12.35 -15.12
CA LYS A 95 8.59 -11.25 -15.81
C LYS A 95 9.42 -9.97 -15.82
N GLY A 96 10.67 -10.07 -15.41
CA GLY A 96 11.54 -8.92 -15.41
C GLY A 96 11.53 -8.07 -14.13
N CYS A 97 10.99 -8.62 -13.04
CA CYS A 97 10.98 -7.89 -11.78
C CYS A 97 12.38 -7.92 -11.19
N ARG A 98 12.80 -6.76 -10.72
CA ARG A 98 14.14 -6.59 -10.17
C ARG A 98 14.07 -6.50 -8.65
N LEU A 99 12.87 -6.27 -8.14
CA LEU A 99 12.69 -6.09 -6.71
C LEU A 99 11.36 -6.63 -6.21
N ILE A 100 11.32 -6.99 -4.93
CA ILE A 100 10.11 -7.47 -4.28
C ILE A 100 9.92 -6.67 -3.00
N LEU A 101 8.73 -6.12 -2.80
CA LEU A 101 8.42 -5.35 -1.61
C LEU A 101 7.24 -5.96 -0.89
N LEU A 102 7.25 -5.88 0.43
CA LEU A 102 6.17 -6.40 1.26
C LEU A 102 6.34 -5.85 2.67
N ASP A 103 5.26 -5.83 3.43
CA ASP A 103 5.36 -5.38 4.82
C ASP A 103 4.67 -6.43 5.64
N SER A 104 5.00 -6.48 6.93
CA SER A 104 4.43 -7.46 7.82
C SER A 104 4.37 -6.88 9.23
N PHE A 105 3.20 -6.96 9.84
CA PHE A 105 3.01 -6.47 11.20
C PHE A 105 3.67 -7.48 12.14
N SER A 106 3.98 -7.04 13.35
CA SER A 106 4.60 -7.89 14.35
C SER A 106 3.78 -9.15 14.62
N PHE A 107 2.46 -9.07 14.46
CA PHE A 107 1.61 -10.23 14.69
C PHE A 107 1.40 -11.10 13.45
N GLN A 108 2.18 -10.84 12.41
CA GLN A 108 2.09 -11.58 11.15
C GLN A 108 3.41 -12.28 10.80
N ALA A 109 4.16 -12.70 11.80
CA ALA A 109 5.42 -13.41 11.57
C ALA A 109 6.45 -12.76 10.62
N PRO A 110 6.96 -11.56 10.97
CA PRO A 110 7.95 -10.90 10.10
C PRO A 110 9.29 -11.65 10.01
N GLU A 111 9.57 -12.49 11.01
CA GLU A 111 10.81 -13.26 10.99
C GLU A 111 10.75 -14.32 9.89
N PHE A 112 9.54 -14.60 9.41
CA PHE A 112 9.40 -15.56 8.33
C PHE A 112 10.12 -14.99 7.11
N TYR A 113 9.82 -13.74 6.80
CA TYR A 113 10.41 -13.05 5.65
C TYR A 113 11.89 -12.76 5.86
N LYS A 114 12.25 -12.45 7.11
CA LYS A 114 13.63 -12.16 7.48
C LYS A 114 14.44 -13.42 7.20
N LYS A 115 13.86 -14.56 7.54
CA LYS A 115 14.48 -15.86 7.35
C LYS A 115 14.58 -16.22 5.87
N HIS A 116 13.79 -15.54 5.04
CA HIS A 116 13.81 -15.81 3.62
C HIS A 116 14.54 -14.80 2.76
N GLY A 117 15.56 -14.16 3.33
CA GLY A 117 16.33 -13.20 2.56
C GLY A 117 15.80 -11.80 2.37
N TYR A 118 14.75 -11.44 3.11
CA TYR A 118 14.20 -10.10 3.01
C TYR A 118 14.87 -9.21 4.04
N ARG A 119 15.19 -8.00 3.62
CA ARG A 119 15.85 -7.04 4.49
C ARG A 119 14.83 -6.01 4.95
N GLU A 120 14.73 -5.79 6.25
CA GLU A 120 13.80 -4.82 6.79
C GLU A 120 14.40 -3.45 6.52
N TYR A 121 13.73 -2.62 5.72
CA TYR A 121 14.26 -1.30 5.41
C TYR A 121 13.61 -0.19 6.20
N GLY A 122 12.53 -0.52 6.89
CA GLY A 122 11.83 0.49 7.68
C GLY A 122 10.90 -0.15 8.70
N VAL A 123 10.53 0.61 9.71
CA VAL A 123 9.64 0.10 10.73
C VAL A 123 8.82 1.23 11.33
N VAL A 124 7.52 0.98 11.47
CA VAL A 124 6.64 1.95 12.09
C VAL A 124 6.36 1.34 13.45
N GLU A 125 6.97 1.93 14.48
CA GLU A 125 6.82 1.45 15.85
C GLU A 125 5.43 1.76 16.42
N ASP A 126 4.95 0.92 17.32
CA ASP A 126 3.64 1.12 17.95
C ASP A 126 2.50 1.47 16.98
N HIS A 127 2.23 0.56 16.06
CA HIS A 127 1.14 0.72 15.10
C HIS A 127 0.79 -0.63 14.52
N PRO A 128 -0.45 -1.09 14.74
CA PRO A 128 -1.45 -0.34 15.52
C PRO A 128 -0.93 -0.31 16.96
N LYS A 129 -1.56 0.47 17.83
CA LYS A 129 -1.11 0.59 19.20
C LYS A 129 -0.88 -0.78 19.83
N GLY A 130 0.33 -0.99 20.34
CA GLY A 130 0.67 -2.25 20.96
C GLY A 130 1.36 -3.24 20.02
N HIS A 131 1.60 -2.82 18.79
CA HIS A 131 2.23 -3.66 17.79
C HIS A 131 3.13 -2.79 16.90
N SER A 132 3.70 -3.38 15.85
CA SER A 132 4.55 -2.64 14.94
C SER A 132 4.43 -3.18 13.52
N GLN A 133 4.87 -2.40 12.55
CA GLN A 133 4.80 -2.81 11.16
C GLN A 133 6.19 -2.77 10.55
N HIS A 134 6.60 -3.88 9.96
CA HIS A 134 7.93 -3.97 9.37
C HIS A 134 7.91 -4.07 7.85
N PHE A 135 8.68 -3.18 7.22
CA PHE A 135 8.77 -3.10 5.77
C PHE A 135 10.01 -3.79 5.23
N PHE A 136 9.78 -4.78 4.37
CA PHE A 136 10.85 -5.58 3.79
C PHE A 136 11.07 -5.41 2.30
N GLU A 137 12.26 -5.78 1.86
CA GLU A 137 12.63 -5.72 0.45
C GLU A 137 13.64 -6.83 0.18
N LYS A 138 13.65 -7.25 -1.07
CA LYS A 138 14.56 -8.27 -1.55
C LYS A 138 14.84 -7.90 -3.00
N ARG A 139 16.11 -7.74 -3.32
CA ARG A 139 16.53 -7.37 -4.66
C ARG A 139 16.69 -8.65 -5.45
N LEU A 140 16.18 -8.66 -6.68
CA LEU A 140 16.27 -9.85 -7.53
C LEU A 140 17.46 -9.79 -8.48
N MET B 1 2.73 -32.48 -0.91
CA MET B 1 1.89 -32.18 -2.09
C MET B 1 0.96 -33.31 -2.54
N TYR B 2 0.96 -34.43 -1.83
CA TYR B 2 0.09 -35.54 -2.21
C TYR B 2 -1.37 -35.07 -2.24
N MET B 3 -2.05 -35.35 -3.35
CA MET B 3 -3.44 -34.95 -3.56
C MET B 3 -3.61 -33.43 -3.53
N LYS B 4 -2.52 -32.73 -3.77
CA LYS B 4 -2.51 -31.27 -3.80
C LYS B 4 -1.74 -30.77 -5.03
N HIS B 5 -2.00 -29.53 -5.42
CA HIS B 5 -1.31 -28.95 -6.56
C HIS B 5 -1.27 -27.43 -6.44
N ILE B 6 -0.24 -26.82 -7.00
CA ILE B 6 -0.09 -25.37 -6.97
C ILE B 6 -0.44 -24.85 -8.35
N GLU B 7 -1.21 -23.78 -8.40
CA GLU B 7 -1.58 -23.19 -9.67
C GLU B 7 -1.99 -21.76 -9.45
N ASN B 8 -2.24 -21.03 -10.53
CA ASN B 8 -2.66 -19.65 -10.43
C ASN B 8 -4.03 -19.59 -9.79
N GLY B 9 -4.24 -18.63 -8.90
CA GLY B 9 -5.52 -18.52 -8.25
C GLY B 9 -6.48 -17.66 -9.05
N THR B 10 -7.78 -17.85 -8.83
CA THR B 10 -8.79 -17.06 -9.52
C THR B 10 -9.05 -15.80 -8.69
N ARG B 11 -9.92 -14.92 -9.18
CA ARG B 11 -10.18 -13.71 -8.44
C ARG B 11 -10.80 -14.03 -7.07
N ILE B 12 -11.75 -14.96 -7.02
CA ILE B 12 -12.36 -15.29 -5.73
C ILE B 12 -11.36 -16.04 -4.85
N GLU B 13 -10.48 -16.81 -5.47
CA GLU B 13 -9.48 -17.52 -4.68
C GLU B 13 -8.57 -16.46 -4.08
N GLY B 14 -8.33 -15.41 -4.87
CA GLY B 14 -7.48 -14.32 -4.41
C GLY B 14 -8.10 -13.58 -3.24
N GLU B 15 -9.37 -13.23 -3.33
CA GLU B 15 -10.01 -12.51 -2.24
C GLU B 15 -10.17 -13.43 -1.02
N TYR B 16 -10.18 -14.74 -1.27
CA TYR B 16 -10.27 -15.70 -0.19
C TYR B 16 -9.00 -15.64 0.67
N ILE B 17 -7.83 -15.57 0.03
CA ILE B 17 -6.57 -15.50 0.79
C ILE B 17 -6.57 -14.21 1.61
N LYS B 18 -6.97 -13.11 0.97
CA LYS B 18 -7.02 -11.81 1.64
C LYS B 18 -7.94 -11.84 2.86
N ASN B 19 -9.13 -12.39 2.69
CA ASN B 19 -10.11 -12.50 3.77
C ASN B 19 -9.59 -13.32 4.93
N LYS B 20 -8.82 -14.35 4.62
CA LYS B 20 -8.23 -15.20 5.65
C LYS B 20 -7.19 -14.45 6.47
N VAL B 21 -6.40 -13.61 5.81
CA VAL B 21 -5.38 -12.83 6.50
C VAL B 21 -6.07 -11.79 7.38
N ILE B 22 -7.08 -11.12 6.83
CA ILE B 22 -7.80 -10.12 7.58
C ILE B 22 -8.44 -10.77 8.79
N GLN B 23 -8.96 -11.96 8.58
CA GLN B 23 -9.62 -12.72 9.64
C GLN B 23 -8.64 -13.03 10.78
N TYR B 24 -7.45 -13.50 10.43
CA TYR B 24 -6.46 -13.79 11.47
C TYR B 24 -6.02 -12.52 12.19
N ASN B 25 -5.77 -11.45 11.42
CA ASN B 25 -5.33 -10.19 12.02
C ASN B 25 -6.32 -9.76 13.07
N MET B 26 -7.58 -9.70 12.70
CA MET B 26 -8.61 -9.27 13.62
C MET B 26 -8.83 -10.18 14.83
N SER B 27 -8.41 -11.44 14.74
CA SER B 27 -8.58 -12.36 15.87
C SER B 27 -7.52 -12.07 16.91
N ILE B 28 -6.40 -11.52 16.46
CA ILE B 28 -5.27 -11.19 17.34
C ILE B 28 -5.48 -9.83 17.99
N LEU B 29 -5.87 -8.86 17.18
CA LEU B 29 -6.08 -7.50 17.66
C LEU B 29 -7.33 -7.43 18.51
N THR B 30 -7.30 -6.56 19.52
CA THR B 30 -8.44 -6.38 20.39
C THR B 30 -9.12 -5.05 20.08
N ASP B 31 -10.29 -4.82 20.67
CA ASP B 31 -11.08 -3.63 20.38
C ASP B 31 -10.44 -2.24 20.43
N GLU B 32 -9.45 -2.04 21.29
CA GLU B 32 -8.85 -0.71 21.42
C GLU B 32 -8.24 -0.16 20.14
N VAL B 33 -7.90 -1.03 19.19
CA VAL B 33 -7.30 -0.57 17.94
C VAL B 33 -8.24 -0.73 16.77
N LYS B 34 -9.46 -1.20 17.03
CA LYS B 34 -10.41 -1.40 15.95
C LYS B 34 -11.30 -0.23 15.59
N GLN B 35 -10.70 0.76 14.94
CA GLN B 35 -11.41 1.95 14.48
C GLN B 35 -12.29 1.59 13.29
N PRO B 36 -13.52 2.12 13.23
CA PRO B 36 -14.36 1.77 12.07
C PRO B 36 -13.60 2.19 10.81
N MET B 37 -13.49 1.29 9.84
CA MET B 37 -12.74 1.61 8.62
C MET B 37 -13.46 2.65 7.78
N GLU B 38 -12.72 3.67 7.35
CA GLU B 38 -13.28 4.75 6.55
C GLU B 38 -12.35 5.21 5.45
N GLU B 39 -12.95 5.78 4.41
CA GLU B 39 -12.18 6.32 3.30
C GLU B 39 -12.57 7.78 3.28
N VAL B 40 -11.58 8.66 3.26
CA VAL B 40 -11.88 10.09 3.27
C VAL B 40 -11.36 10.74 1.98
N SER B 41 -12.04 11.80 1.56
CA SER B 41 -11.67 12.49 0.34
C SER B 41 -11.93 14.00 0.41
N LEU B 42 -10.99 14.77 -0.12
CA LEU B 42 -11.10 16.23 -0.16
C LEU B 42 -10.71 16.73 -1.55
N VAL B 43 -11.38 17.80 -1.98
CA VAL B 43 -11.09 18.37 -3.29
C VAL B 43 -11.19 19.90 -3.26
N VAL B 44 -10.39 20.54 -4.10
CA VAL B 44 -10.42 21.98 -4.21
C VAL B 44 -11.15 22.27 -5.53
N LYS B 45 -12.25 23.02 -5.43
CA LYS B 45 -13.05 23.32 -6.61
C LYS B 45 -13.15 24.77 -7.03
N ASN B 46 -13.52 24.94 -8.29
CA ASN B 46 -13.69 26.22 -8.91
C ASN B 46 -15.11 26.66 -8.63
N GLU B 47 -15.42 27.91 -8.95
CA GLU B 47 -16.76 28.44 -8.75
C GLU B 47 -17.73 27.58 -9.58
N GLU B 48 -17.23 27.08 -10.71
CA GLU B 48 -18.01 26.25 -11.62
C GLU B 48 -17.98 24.78 -11.21
N GLY B 49 -17.37 24.49 -10.07
CA GLY B 49 -17.28 23.12 -9.61
C GLY B 49 -16.20 22.36 -10.36
N LYS B 50 -15.22 23.09 -10.89
CA LYS B 50 -14.11 22.50 -11.62
C LYS B 50 -13.08 22.13 -10.55
N ILE B 51 -12.47 20.96 -10.67
CA ILE B 51 -11.49 20.53 -9.69
C ILE B 51 -10.05 20.57 -10.18
N PHE B 52 -9.17 21.24 -9.44
CA PHE B 52 -7.76 21.31 -9.80
C PHE B 52 -6.88 20.69 -8.74
N GLY B 53 -7.49 19.96 -7.82
CA GLY B 53 -6.72 19.32 -6.76
C GLY B 53 -7.56 18.52 -5.80
N GLY B 54 -6.90 17.65 -5.04
CA GLY B 54 -7.61 16.83 -4.06
C GLY B 54 -6.67 15.85 -3.38
N VAL B 55 -7.18 15.21 -2.33
CA VAL B 55 -6.40 14.23 -1.59
C VAL B 55 -7.36 13.17 -1.08
N THR B 56 -6.90 11.92 -1.08
CA THR B 56 -7.72 10.81 -0.61
C THR B 56 -6.91 9.92 0.32
N GLY B 57 -7.59 9.38 1.31
CA GLY B 57 -6.92 8.51 2.27
C GLY B 57 -7.87 7.50 2.86
N THR B 58 -7.30 6.56 3.61
CA THR B 58 -8.05 5.50 4.25
C THR B 58 -7.68 5.44 5.72
N MET B 59 -8.68 5.34 6.59
CA MET B 59 -8.45 5.26 8.03
C MET B 59 -8.82 3.90 8.62
N TYR B 60 -7.96 3.43 9.52
CA TYR B 60 -8.17 2.19 10.25
C TYR B 60 -7.02 2.06 11.25
N PHE B 61 -7.20 1.25 12.29
CA PHE B 61 -6.20 1.08 13.34
C PHE B 61 -5.89 2.44 13.95
N TYR B 62 -6.81 3.39 13.82
CA TYR B 62 -6.63 4.74 14.34
C TYR B 62 -5.39 5.43 13.75
N HIS B 63 -5.29 5.36 12.43
CA HIS B 63 -4.22 6.01 11.68
C HIS B 63 -4.83 6.33 10.32
N LEU B 64 -4.26 7.33 9.67
CA LEU B 64 -4.71 7.74 8.35
C LEU B 64 -3.60 7.42 7.38
N HIS B 65 -3.95 6.76 6.28
CA HIS B 65 -2.96 6.51 5.26
C HIS B 65 -3.39 7.37 4.09
N ILE B 66 -2.55 8.31 3.70
CA ILE B 66 -2.88 9.18 2.58
C ILE B 66 -2.50 8.39 1.33
N ASP B 67 -3.49 8.05 0.53
CA ASP B 67 -3.25 7.25 -0.67
C ASP B 67 -2.83 8.06 -1.89
N PHE B 68 -3.51 9.18 -2.12
CA PHE B 68 -3.20 10.04 -3.26
C PHE B 68 -3.43 11.52 -2.97
N LEU B 69 -2.56 12.36 -3.51
CA LEU B 69 -2.63 13.81 -3.35
C LEU B 69 -2.30 14.41 -4.69
N TRP B 70 -3.26 15.14 -5.26
CA TRP B 70 -3.05 15.74 -6.56
C TRP B 70 -3.33 17.23 -6.58
N VAL B 71 -2.60 17.94 -7.42
CA VAL B 71 -2.77 19.38 -7.62
C VAL B 71 -2.43 19.59 -9.10
N ASP B 72 -3.39 20.12 -9.86
CA ASP B 72 -3.13 20.33 -11.27
C ASP B 72 -1.84 21.10 -11.43
N GLU B 73 -1.05 20.69 -12.41
CA GLU B 73 0.24 21.31 -12.69
C GLU B 73 0.18 22.82 -12.90
N SER B 74 -0.85 23.29 -13.61
CA SER B 74 -0.98 24.72 -13.88
C SER B 74 -1.11 25.56 -12.63
N VAL B 75 -1.26 24.92 -11.48
CA VAL B 75 -1.44 25.66 -10.24
C VAL B 75 -0.56 25.09 -9.12
N ARG B 76 0.49 24.37 -9.52
CA ARG B 76 1.37 23.71 -8.57
C ARG B 76 2.12 24.55 -7.55
N HIS B 77 2.30 25.83 -7.82
CA HIS B 77 3.02 26.68 -6.87
C HIS B 77 2.07 27.53 -6.04
N ASP B 78 0.77 27.27 -6.17
CA ASP B 78 -0.22 28.08 -5.46
C ASP B 78 -0.58 27.66 -4.05
N GLY B 79 0.06 26.62 -3.54
CA GLY B 79 -0.20 26.19 -2.17
C GLY B 79 -1.47 25.43 -1.83
N TYR B 80 -2.10 24.81 -2.81
CA TYR B 80 -3.31 24.04 -2.54
C TYR B 80 -2.92 22.72 -1.89
N GLY B 81 -1.71 22.27 -2.18
CA GLY B 81 -1.23 21.03 -1.61
C GLY B 81 -1.18 21.08 -0.10
N SER B 82 -0.65 22.17 0.44
CA SER B 82 -0.56 22.33 1.89
C SER B 82 -1.93 22.38 2.52
N GLN B 83 -2.84 23.13 1.90
CA GLN B 83 -4.19 23.26 2.45
C GLN B 83 -4.86 21.90 2.56
N LEU B 84 -4.75 21.10 1.50
CA LEU B 84 -5.34 19.78 1.46
C LEU B 84 -4.76 18.89 2.55
N LEU B 85 -3.45 18.99 2.77
CA LEU B 85 -2.76 18.19 3.78
C LEU B 85 -3.20 18.59 5.19
N HIS B 86 -3.33 19.90 5.43
CA HIS B 86 -3.75 20.42 6.72
C HIS B 86 -5.17 19.99 7.02
N GLU B 87 -6.02 20.07 6.01
CA GLU B 87 -7.42 19.72 6.13
C GLU B 87 -7.63 18.26 6.48
N ILE B 88 -7.02 17.36 5.70
CA ILE B 88 -7.22 15.96 5.96
C ILE B 88 -6.61 15.58 7.31
N GLU B 89 -5.54 16.26 7.71
CA GLU B 89 -4.92 15.98 8.99
C GLU B 89 -5.89 16.34 10.11
N GLY B 90 -6.63 17.44 9.90
CA GLY B 90 -7.60 17.87 10.88
C GLY B 90 -8.67 16.79 11.01
N ILE B 91 -9.11 16.25 9.88
CA ILE B 91 -10.13 15.20 9.89
C ILE B 91 -9.60 13.99 10.63
N ALA B 92 -8.35 13.63 10.35
CA ALA B 92 -7.71 12.50 11.00
C ALA B 92 -7.70 12.66 12.52
N LYS B 93 -7.30 13.83 13.02
CA LYS B 93 -7.26 14.06 14.47
C LYS B 93 -8.66 13.94 15.08
N GLU B 94 -9.64 14.52 14.41
CA GLU B 94 -11.01 14.47 14.90
C GLU B 94 -11.55 13.05 14.98
N LYS B 95 -11.04 12.16 14.12
CA LYS B 95 -11.48 10.77 14.12
C LYS B 95 -10.70 9.92 15.11
N GLY B 96 -9.73 10.53 15.77
CA GLY B 96 -8.94 9.78 16.75
C GLY B 96 -7.68 9.10 16.22
N CYS B 97 -7.24 9.46 15.03
CA CYS B 97 -6.03 8.87 14.47
C CYS B 97 -4.80 9.27 15.31
N ARG B 98 -3.89 8.31 15.50
CA ARG B 98 -2.68 8.52 16.29
C ARG B 98 -1.52 8.92 15.42
N LEU B 99 -1.63 8.66 14.13
CA LEU B 99 -0.57 8.99 13.20
C LEU B 99 -1.05 8.97 11.78
N ILE B 100 -0.19 9.43 10.90
CA ILE B 100 -0.49 9.46 9.49
C ILE B 100 0.68 8.80 8.79
N LEU B 101 0.38 7.91 7.84
CA LEU B 101 1.41 7.22 7.07
C LEU B 101 1.17 7.50 5.60
N LEU B 102 2.26 7.60 4.85
CA LEU B 102 2.18 7.84 3.42
C LEU B 102 3.55 7.58 2.84
N ASP B 103 3.60 7.40 1.52
CA ASP B 103 4.88 7.21 0.85
C ASP B 103 4.89 8.16 -0.35
N SER B 104 6.08 8.48 -0.80
CA SER B 104 6.24 9.39 -1.91
C SER B 104 7.46 9.03 -2.73
N PHE B 105 7.29 8.91 -4.03
CA PHE B 105 8.41 8.62 -4.89
C PHE B 105 9.17 9.94 -5.01
N SER B 106 10.43 9.87 -5.42
CA SER B 106 11.27 11.06 -5.58
C SER B 106 10.68 12.09 -6.54
N PHE B 107 9.83 11.64 -7.44
CA PHE B 107 9.19 12.56 -8.39
C PHE B 107 7.84 13.08 -7.89
N GLN B 108 7.53 12.80 -6.62
CA GLN B 108 6.26 13.26 -6.04
C GLN B 108 6.47 14.25 -4.89
N ALA B 109 7.64 14.88 -4.87
CA ALA B 109 7.98 15.88 -3.86
C ALA B 109 8.07 15.41 -2.41
N PRO B 110 9.01 14.49 -2.12
CA PRO B 110 9.09 14.05 -0.72
C PRO B 110 9.39 15.23 0.21
N GLU B 111 10.07 16.25 -0.31
CA GLU B 111 10.41 17.42 0.50
C GLU B 111 9.15 18.16 0.99
N PHE B 112 8.07 18.08 0.21
CA PHE B 112 6.79 18.72 0.56
C PHE B 112 6.26 18.13 1.86
N TYR B 113 6.42 16.82 2.03
CA TYR B 113 5.97 16.14 3.25
C TYR B 113 6.89 16.48 4.39
N LYS B 114 8.18 16.58 4.12
CA LYS B 114 9.13 16.94 5.17
C LYS B 114 8.78 18.33 5.72
N LYS B 115 8.46 19.25 4.81
CA LYS B 115 8.10 20.61 5.21
C LYS B 115 6.86 20.62 6.09
N HIS B 116 6.05 19.57 5.99
CA HIS B 116 4.84 19.50 6.80
C HIS B 116 4.98 18.63 8.03
N GLY B 117 6.21 18.40 8.46
CA GLY B 117 6.44 17.61 9.65
C GLY B 117 6.46 16.09 9.54
N TYR B 118 6.52 15.54 8.34
CA TYR B 118 6.57 14.09 8.20
C TYR B 118 8.00 13.60 8.31
N ARG B 119 8.20 12.46 8.96
CA ARG B 119 9.54 11.90 9.13
C ARG B 119 9.72 10.68 8.22
N GLU B 120 10.90 10.58 7.62
CA GLU B 120 11.18 9.45 6.74
C GLU B 120 11.67 8.27 7.56
N TYR B 121 10.92 7.18 7.54
CA TYR B 121 11.30 6.00 8.31
C TYR B 121 11.83 4.89 7.41
N GLY B 122 11.77 5.10 6.10
CA GLY B 122 12.25 4.09 5.19
C GLY B 122 12.39 4.56 3.75
N VAL B 123 13.35 3.97 3.05
CA VAL B 123 13.58 4.32 1.64
C VAL B 123 13.87 3.09 0.82
N VAL B 124 13.33 3.06 -0.39
CA VAL B 124 13.55 1.98 -1.33
C VAL B 124 14.30 2.64 -2.48
N GLU B 125 15.58 2.28 -2.61
CA GLU B 125 16.43 2.85 -3.64
C GLU B 125 16.13 2.35 -5.06
N ASP B 126 16.45 3.19 -6.03
CA ASP B 126 16.29 2.88 -7.45
C ASP B 126 15.00 2.13 -7.76
N HIS B 127 13.88 2.69 -7.32
CA HIS B 127 12.56 2.12 -7.54
C HIS B 127 11.54 3.24 -7.74
N PRO B 128 11.01 3.37 -8.96
CA PRO B 128 11.35 2.55 -10.13
C PRO B 128 12.75 2.96 -10.60
N LYS B 129 13.33 2.18 -11.52
CA LYS B 129 14.68 2.48 -12.01
C LYS B 129 14.88 3.96 -12.31
N GLY B 130 15.91 4.54 -11.72
CA GLY B 130 16.23 5.95 -11.94
C GLY B 130 15.58 6.86 -10.91
N HIS B 131 14.78 6.28 -10.02
CA HIS B 131 14.09 7.05 -9.00
C HIS B 131 14.18 6.31 -7.66
N SER B 132 13.39 6.76 -6.68
CA SER B 132 13.39 6.13 -5.36
C SER B 132 12.05 6.32 -4.65
N GLN B 133 11.77 5.47 -3.67
CA GLN B 133 10.52 5.60 -2.92
C GLN B 133 10.78 5.91 -1.45
N HIS B 134 10.08 6.92 -0.93
CA HIS B 134 10.27 7.34 0.44
C HIS B 134 9.03 7.16 1.32
N PHE B 135 9.21 6.48 2.45
CA PHE B 135 8.12 6.23 3.37
C PHE B 135 8.15 7.19 4.54
N PHE B 136 7.02 7.87 4.75
CA PHE B 136 6.90 8.88 5.79
C PHE B 136 5.86 8.59 6.87
N GLU B 137 6.07 9.16 8.05
CA GLU B 137 5.14 9.03 9.14
C GLU B 137 5.10 10.33 9.94
N LYS B 138 3.94 10.65 10.48
CA LYS B 138 3.76 11.83 11.31
C LYS B 138 2.87 11.42 12.48
N ARG B 139 3.40 11.51 13.70
CA ARG B 139 2.62 11.18 14.89
C ARG B 139 1.69 12.35 15.17
N LEU B 140 0.43 12.07 15.51
CA LEU B 140 -0.52 13.13 15.79
C LEU B 140 -0.68 13.40 17.28
#